data_2P3Q
#
_entry.id   2P3Q
#
_cell.length_a   111.502
_cell.length_b   111.502
_cell.length_c   56.534
_cell.angle_alpha   90.00
_cell.angle_beta   90.00
_cell.angle_gamma   120.00
#
_symmetry.space_group_name_H-M   'P 31 2 1'
#
loop_
_entity.id
_entity.type
_entity.pdbx_description
1 polymer 'type II methyltransferase'
2 non-polymer 'SULFATE ION'
3 non-polymer "DIGUANOSINE-5'-TRIPHOSPHATE"
4 non-polymer S-ADENOSYL-L-HOMOCYSTEINE
5 water water
#
_entity_poly.entity_id   1
_entity_poly.type   'polypeptide(L)'
_entity_poly.pdbx_seq_one_letter_code
;MRGSHHHHHHGSNIGETLGEKWKSRLNALGKSEFQIYKKSGIQEVDRTLAKEGIKRGETDHHAVSRGSAKLRWFVERNLV
TPEGKVVDLGCGRGGWSYYCGGLKNVREVKGLTKGGPGHEEPIPMSTYGWNLVRLQSGVDVFFIPPERCDTLLCDIGESS
PNPTVEAGRTLRVLNLVENWLSNNTQFCVKVLNPYMSSVIEKMEALQRKHGGALVRNPLSRNSTHEMYWVSNASGNIVSS
VNMISRMLINRFTMRHKKATYEPDVDLGSGTRNIGIESETPNLDIIGKRIEKIKQEHETSWHYDQ
;
_entity_poly.pdbx_strand_id   A
#
# COMPACT_ATOMS: atom_id res chain seq x y z
N GLU A 16 -23.32 -3.11 13.71
CA GLU A 16 -23.05 -2.81 12.28
C GLU A 16 -22.50 -1.39 12.09
N THR A 17 -21.57 -1.24 11.14
CA THR A 17 -20.88 0.04 10.86
C THR A 17 -21.30 0.67 9.54
N LEU A 18 -20.95 1.94 9.42
CA LEU A 18 -21.08 2.74 8.20
C LEU A 18 -20.30 2.15 7.02
N GLY A 19 -19.11 1.59 7.32
CA GLY A 19 -18.34 0.84 6.33
C GLY A 19 -19.07 -0.33 5.68
N GLU A 20 -19.67 -1.17 6.51
CA GLU A 20 -20.45 -2.33 6.05
C GLU A 20 -21.63 -1.94 5.17
N LYS A 21 -22.27 -0.82 5.48
CA LYS A 21 -23.29 -0.31 4.55
C LYS A 21 -22.67 -0.11 3.16
N TRP A 22 -21.52 0.61 3.13
CA TRP A 22 -20.78 0.88 1.89
C TRP A 22 -20.48 -0.44 1.21
N LYS A 23 -19.94 -1.38 1.98
CA LYS A 23 -19.57 -2.66 1.42
C LYS A 23 -20.76 -3.31 0.71
N SER A 24 -21.91 -3.34 1.38
CA SER A 24 -23.08 -3.98 0.79
C SER A 24 -23.53 -3.29 -0.50
N ARG A 25 -23.61 -1.95 -0.50
CA ARG A 25 -24.03 -1.23 -1.72
C ARG A 25 -23.07 -1.62 -2.82
N LEU A 26 -21.77 -1.64 -2.50
CA LEU A 26 -20.72 -1.92 -3.48
C LEU A 26 -20.97 -3.27 -4.13
N ASN A 27 -21.04 -4.28 -3.27
CA ASN A 27 -21.42 -5.63 -3.67
C ASN A 27 -22.70 -5.75 -4.51
N ALA A 28 -23.67 -4.84 -4.34
CA ALA A 28 -24.90 -4.91 -5.12
C ALA A 28 -24.79 -4.36 -6.54
N LEU A 29 -23.59 -4.02 -6.99
CA LEU A 29 -23.49 -3.26 -8.23
C LEU A 29 -23.42 -4.11 -9.49
N GLY A 30 -24.00 -3.59 -10.56
CA GLY A 30 -23.84 -4.16 -11.88
C GLY A 30 -22.37 -4.20 -12.27
N LYS A 31 -22.00 -5.22 -13.05
CA LYS A 31 -20.60 -5.38 -13.49
C LYS A 31 -20.08 -4.06 -14.05
N SER A 32 -20.81 -3.51 -15.01
CA SER A 32 -20.46 -2.24 -15.67
C SER A 32 -20.63 -0.99 -14.77
N GLU A 33 -21.48 -1.09 -13.76
CA GLU A 33 -21.70 0.05 -12.85
C GLU A 33 -20.54 0.16 -11.86
N PHE A 34 -20.09 -1.00 -11.35
CA PHE A 34 -18.91 -1.13 -10.50
C PHE A 34 -17.62 -0.67 -11.19
N GLN A 35 -17.43 -1.01 -12.46
CA GLN A 35 -16.27 -0.52 -13.17
C GLN A 35 -16.20 1.01 -13.19
N ILE A 36 -17.35 1.68 -13.25
CA ILE A 36 -17.40 3.13 -13.25
C ILE A 36 -17.19 3.65 -11.83
N TYR A 37 -17.66 2.92 -10.85
CA TYR A 37 -17.56 3.44 -9.51
C TYR A 37 -16.09 3.44 -9.11
N LYS A 38 -15.40 2.37 -9.49
CA LYS A 38 -14.02 2.14 -9.14
C LYS A 38 -13.11 3.36 -9.48
N LYS A 39 -13.24 3.93 -10.68
CA LYS A 39 -12.39 5.05 -11.04
C LYS A 39 -12.99 6.44 -10.76
N SER A 40 -14.18 6.50 -10.17
CA SER A 40 -14.90 7.78 -10.01
C SER A 40 -14.21 8.81 -9.12
N GLY A 41 -13.79 9.92 -9.70
CA GLY A 41 -13.13 10.97 -8.94
C GLY A 41 -11.88 10.54 -8.19
N ILE A 42 -11.22 9.48 -8.65
CA ILE A 42 -9.98 9.09 -8.02
C ILE A 42 -8.80 9.83 -8.68
N GLN A 43 -7.60 9.52 -8.23
CA GLN A 43 -6.37 9.97 -8.87
C GLN A 43 -5.74 8.76 -9.52
N GLU A 44 -5.45 8.84 -10.81
CA GLU A 44 -4.70 7.78 -11.48
C GLU A 44 -3.26 8.19 -11.79
N VAL A 45 -2.44 7.19 -12.10
CA VAL A 45 -1.04 7.38 -12.48
C VAL A 45 -0.90 7.00 -13.95
N ASP A 46 -0.16 7.83 -14.70
CA ASP A 46 -0.06 7.66 -16.15
C ASP A 46 0.97 6.58 -16.51
N ARG A 47 0.53 5.38 -16.81
CA ARG A 47 1.49 4.29 -16.93
C ARG A 47 1.61 3.68 -18.31
N THR A 48 0.83 4.12 -19.30
CA THR A 48 0.93 3.54 -20.63
C THR A 48 2.37 3.33 -21.08
N LEU A 49 3.16 4.41 -21.15
CA LEU A 49 4.50 4.34 -21.72
C LEU A 49 5.46 3.54 -20.87
N ALA A 50 5.38 3.71 -19.55
CA ALA A 50 6.28 3.00 -18.64
C ALA A 50 6.06 1.51 -18.72
N LYS A 51 4.80 1.08 -18.87
CA LYS A 51 4.51 -0.35 -19.04
C LYS A 51 4.99 -0.80 -20.40
N GLU A 52 4.83 0.04 -21.41
CA GLU A 52 5.30 -0.30 -22.74
C GLU A 52 6.82 -0.45 -22.81
N GLY A 53 7.52 0.27 -21.95
CA GLY A 53 8.97 0.19 -21.94
C GLY A 53 9.45 -1.10 -21.30
N ILE A 54 8.83 -1.42 -20.17
CA ILE A 54 9.10 -2.65 -19.44
C ILE A 54 8.85 -3.89 -20.30
N LYS A 55 7.74 -3.93 -21.01
CA LYS A 55 7.47 -5.04 -21.91
C LYS A 55 8.63 -5.23 -22.89
N ARG A 56 9.47 -4.22 -23.05
CA ARG A 56 10.52 -4.29 -24.09
C ARG A 56 11.93 -4.51 -23.49
N GLY A 57 12.01 -4.67 -22.18
CA GLY A 57 13.28 -4.95 -21.60
C GLY A 57 13.77 -3.79 -20.77
N GLU A 58 13.44 -2.55 -21.15
CA GLU A 58 14.04 -1.37 -20.48
C GLU A 58 14.04 -1.52 -18.95
N THR A 59 15.21 -1.46 -18.34
CA THR A 59 15.32 -1.67 -16.91
C THR A 59 15.54 -0.31 -16.25
N ASP A 60 15.44 0.72 -17.08
CA ASP A 60 15.97 2.00 -16.69
C ASP A 60 15.13 2.98 -15.89
N HIS A 61 14.19 3.68 -16.49
CA HIS A 61 13.61 4.76 -15.67
C HIS A 61 12.25 4.40 -14.99
N HIS A 62 11.78 3.19 -15.25
CA HIS A 62 10.38 2.86 -15.09
C HIS A 62 10.08 2.35 -13.69
N ALA A 63 8.97 2.79 -13.09
CA ALA A 63 8.46 2.13 -11.84
C ALA A 63 7.90 0.83 -12.30
N VAL A 64 8.03 -0.21 -11.49
CA VAL A 64 7.63 -1.53 -11.98
C VAL A 64 6.13 -1.80 -11.90
N SER A 65 5.41 -0.88 -11.27
CA SER A 65 4.01 -1.05 -10.87
C SER A 65 3.56 0.34 -10.46
N ARG A 66 2.25 0.55 -10.25
CA ARG A 66 1.81 1.86 -9.74
C ARG A 66 2.01 2.06 -8.25
N GLY A 67 2.63 1.10 -7.55
CA GLY A 67 2.88 1.24 -6.13
C GLY A 67 3.94 2.28 -5.83
N SER A 68 4.84 2.46 -6.79
CA SER A 68 5.94 3.40 -6.58
C SER A 68 5.27 4.75 -6.35
N ALA A 69 4.43 5.15 -7.31
CA ALA A 69 3.63 6.38 -7.22
C ALA A 69 2.78 6.44 -5.96
N LYS A 70 2.24 5.30 -5.60
CA LYS A 70 1.42 5.21 -4.43
C LYS A 70 2.21 5.52 -3.15
N LEU A 71 3.33 4.83 -2.93
CA LEU A 71 4.23 5.18 -1.82
C LEU A 71 4.76 6.61 -1.94
N ARG A 72 5.19 7.01 -3.16
CA ARG A 72 5.66 8.39 -3.37
C ARG A 72 4.79 9.37 -2.58
N TRP A 73 3.46 9.25 -2.76
CA TRP A 73 2.49 10.18 -2.18
C TRP A 73 2.60 10.27 -0.68
N PHE A 74 2.79 9.14 -0.01
CA PHE A 74 2.92 9.20 1.44
C PHE A 74 4.25 9.82 1.82
N VAL A 75 5.28 9.54 1.04
CA VAL A 75 6.65 9.89 1.43
C VAL A 75 6.91 11.37 1.22
N GLU A 76 6.50 11.88 0.04
CA GLU A 76 6.64 13.30 -0.31
C GLU A 76 5.81 14.22 0.60
N ARG A 77 5.04 13.64 1.51
CA ARG A 77 4.28 14.37 2.52
C ARG A 77 4.74 14.03 3.94
N ASN A 78 5.93 13.41 4.07
CA ASN A 78 6.48 13.06 5.39
C ASN A 78 5.55 12.25 6.30
N LEU A 79 4.61 11.55 5.70
CA LEU A 79 3.80 10.64 6.45
C LEU A 79 4.64 9.41 6.85
N VAL A 80 5.61 9.08 5.99
CA VAL A 80 6.63 8.08 6.27
C VAL A 80 7.95 8.48 5.59
N THR A 81 9.02 8.44 6.38
CA THR A 81 10.35 8.85 5.97
C THR A 81 11.15 7.58 6.01
N PRO A 82 11.15 6.82 4.90
CA PRO A 82 12.08 5.68 4.83
C PRO A 82 13.51 6.11 5.12
N GLU A 83 14.15 5.38 6.03
CA GLU A 83 15.58 5.51 6.31
C GLU A 83 16.19 4.18 6.76
N GLY A 84 17.52 4.10 6.69
CA GLY A 84 18.26 3.01 7.31
C GLY A 84 18.08 1.70 6.56
N LYS A 85 17.71 0.66 7.30
CA LYS A 85 17.40 -0.65 6.74
C LYS A 85 15.88 -0.78 6.60
N VAL A 86 15.42 -0.71 5.35
CA VAL A 86 14.00 -0.85 5.01
C VAL A 86 13.65 -2.31 4.73
N VAL A 87 12.65 -2.85 5.44
CA VAL A 87 12.05 -4.13 5.00
C VAL A 87 10.70 -3.89 4.31
N ASP A 88 10.57 -4.40 3.08
CA ASP A 88 9.33 -4.33 2.30
C ASP A 88 8.61 -5.70 2.31
N LEU A 89 7.67 -5.88 3.24
CA LEU A 89 6.88 -7.13 3.31
C LEU A 89 5.83 -7.19 2.21
N GLY A 90 5.96 -8.18 1.32
CA GLY A 90 5.06 -8.31 0.15
C GLY A 90 5.39 -7.28 -0.92
N CYS A 91 6.63 -7.30 -1.40
CA CYS A 91 7.13 -6.26 -2.30
C CYS A 91 6.63 -6.50 -3.72
N GLY A 92 6.15 -7.73 -3.94
CA GLY A 92 5.55 -8.12 -5.20
C GLY A 92 6.57 -7.91 -6.30
N ARG A 93 6.19 -7.18 -7.34
CA ARG A 93 7.11 -6.85 -8.42
C ARG A 93 8.31 -6.08 -7.90
N GLY A 94 8.06 -5.17 -6.95
CA GLY A 94 9.15 -4.41 -6.34
C GLY A 94 8.96 -2.92 -6.25
N GLY A 95 7.76 -2.46 -6.53
CA GLY A 95 7.48 -1.03 -6.66
C GLY A 95 7.79 -0.18 -5.44
N TRP A 96 7.57 -0.71 -4.26
CA TRP A 96 7.89 0.07 -3.11
C TRP A 96 9.39 0.11 -2.78
N SER A 97 10.11 -0.94 -3.12
CA SER A 97 11.48 -1.10 -2.72
C SER A 97 12.34 -0.24 -3.64
N TYR A 98 12.22 -0.46 -4.95
CA TYR A 98 12.99 0.27 -5.93
C TYR A 98 12.82 1.76 -5.74
N TYR A 99 11.65 2.15 -5.25
CA TYR A 99 11.43 3.56 -5.05
C TYR A 99 12.21 3.96 -3.82
N CYS A 100 12.19 3.13 -2.78
CA CYS A 100 12.97 3.44 -1.58
C CYS A 100 14.48 3.46 -1.89
N GLY A 101 14.89 2.58 -2.82
CA GLY A 101 16.27 2.41 -3.23
C GLY A 101 16.94 3.70 -3.59
N GLY A 102 16.20 4.58 -4.27
CA GLY A 102 16.66 5.91 -4.63
C GLY A 102 16.59 7.01 -3.58
N LEU A 103 16.18 6.69 -2.36
CA LEU A 103 15.96 7.76 -1.40
C LEU A 103 17.14 8.12 -0.52
N LYS A 104 17.63 9.35 -0.73
CA LYS A 104 18.71 9.94 0.10
C LYS A 104 19.00 9.22 1.42
N ASN A 105 18.06 9.18 2.34
CA ASN A 105 18.38 8.64 3.67
C ASN A 105 18.49 7.11 3.85
N VAL A 106 18.63 6.37 2.75
CA VAL A 106 18.32 4.93 2.80
C VAL A 106 19.54 4.04 2.50
N ARG A 107 19.74 3.01 3.33
CA ARG A 107 20.89 2.11 3.18
C ARG A 107 20.58 0.75 2.52
N GLU A 108 19.91 -0.12 3.26
CA GLU A 108 19.59 -1.44 2.77
C GLU A 108 18.10 -1.42 2.41
N VAL A 109 17.74 -1.93 1.24
CA VAL A 109 16.33 -2.29 1.04
C VAL A 109 16.22 -3.79 0.84
N LYS A 110 15.43 -4.42 1.72
CA LYS A 110 15.12 -5.84 1.66
C LYS A 110 13.64 -6.06 1.37
N GLY A 111 13.36 -6.60 0.19
CA GLY A 111 11.98 -6.86 -0.21
C GLY A 111 11.68 -8.34 -0.26
N LEU A 112 10.54 -8.74 0.32
CA LEU A 112 10.17 -10.16 0.45
C LEU A 112 8.77 -10.43 -0.03
N THR A 113 8.58 -11.53 -0.75
CA THR A 113 7.28 -11.81 -1.41
C THR A 113 7.10 -13.29 -1.83
N LYS A 114 5.85 -13.75 -1.91
CA LYS A 114 5.52 -15.12 -2.31
C LYS A 114 6.01 -15.47 -3.70
N GLY A 115 5.54 -14.72 -4.71
CA GLY A 115 5.92 -14.99 -6.08
C GLY A 115 5.29 -16.28 -6.52
N GLY A 116 6.02 -17.06 -7.33
CA GLY A 116 5.56 -18.37 -7.85
C GLY A 116 4.42 -18.21 -8.85
N PRO A 117 3.95 -19.34 -9.46
CA PRO A 117 2.86 -19.27 -10.46
C PRO A 117 1.66 -18.59 -9.82
N GLY A 118 0.97 -17.74 -10.58
CA GLY A 118 -0.20 -17.00 -10.07
C GLY A 118 0.05 -15.88 -9.06
N HIS A 119 1.32 -15.62 -8.73
CA HIS A 119 1.66 -14.41 -7.99
C HIS A 119 2.65 -13.52 -8.72
N GLU A 120 2.59 -12.22 -8.46
CA GLU A 120 3.56 -11.29 -8.99
C GLU A 120 5.01 -11.64 -8.55
N GLU A 121 5.86 -11.78 -9.56
CA GLU A 121 7.27 -12.00 -9.38
C GLU A 121 8.03 -10.67 -9.47
N PRO A 122 9.05 -10.46 -8.60
CA PRO A 122 9.94 -9.32 -8.66
C PRO A 122 10.60 -9.18 -10.02
N ILE A 123 10.62 -7.99 -10.58
CA ILE A 123 11.29 -7.75 -11.83
C ILE A 123 12.62 -7.07 -11.49
N PRO A 124 13.73 -7.58 -12.06
CA PRO A 124 15.07 -6.95 -11.94
C PRO A 124 15.16 -5.60 -12.69
N MET A 125 15.54 -4.54 -11.98
CA MET A 125 15.64 -3.21 -12.57
C MET A 125 17.02 -2.53 -12.29
N SER A 126 17.44 -1.65 -13.18
CA SER A 126 18.68 -0.92 -12.98
C SER A 126 18.38 0.54 -12.61
N THR A 127 17.35 0.76 -11.81
CA THR A 127 16.96 2.12 -11.41
C THR A 127 17.90 2.66 -10.34
N TYR A 128 17.85 3.97 -10.13
CA TYR A 128 18.77 4.59 -9.23
C TYR A 128 18.71 3.94 -7.85
N GLY A 129 19.81 3.30 -7.49
CA GLY A 129 19.94 2.72 -6.15
C GLY A 129 19.57 1.26 -6.18
N TRP A 130 19.43 0.69 -7.37
CA TRP A 130 19.06 -0.71 -7.51
C TRP A 130 19.99 -1.68 -6.82
N ASN A 131 21.26 -1.31 -6.83
CA ASN A 131 22.31 -2.06 -6.19
C ASN A 131 22.15 -2.16 -4.69
N LEU A 132 21.29 -1.32 -4.09
CA LEU A 132 21.01 -1.45 -2.65
C LEU A 132 19.73 -2.22 -2.35
N VAL A 133 19.09 -2.71 -3.40
CA VAL A 133 17.81 -3.37 -3.25
C VAL A 133 18.03 -4.84 -3.53
N ARG A 134 17.70 -5.71 -2.57
CA ARG A 134 17.59 -7.13 -2.90
C ARG A 134 16.17 -7.66 -2.61
N LEU A 135 15.61 -8.34 -3.60
CA LEU A 135 14.23 -8.77 -3.51
C LEU A 135 14.19 -10.29 -3.55
N GLN A 136 13.44 -10.90 -2.63
CA GLN A 136 13.31 -12.35 -2.61
C GLN A 136 11.92 -12.86 -2.89
N SER A 137 11.86 -13.74 -3.89
CA SER A 137 10.66 -14.46 -4.25
C SER A 137 10.58 -15.74 -3.44
N GLY A 138 9.44 -16.41 -3.43
CA GLY A 138 9.31 -17.69 -2.70
C GLY A 138 9.22 -17.67 -1.18
N VAL A 139 9.18 -16.49 -0.56
CA VAL A 139 9.08 -16.38 0.89
C VAL A 139 7.65 -16.16 1.30
N ASP A 140 7.19 -16.85 2.34
CA ASP A 140 6.00 -16.42 3.04
C ASP A 140 6.41 -15.71 4.30
N VAL A 141 5.90 -14.50 4.49
CA VAL A 141 6.36 -13.65 5.57
C VAL A 141 5.72 -13.94 6.94
N PHE A 142 4.46 -14.41 6.95
CA PHE A 142 3.79 -14.70 8.22
C PHE A 142 4.47 -15.80 9.02
N PHE A 143 5.52 -16.41 8.44
CA PHE A 143 6.14 -17.62 9.03
C PHE A 143 7.64 -17.61 8.89
N ILE A 144 8.24 -16.43 8.93
CA ILE A 144 9.70 -16.33 8.97
C ILE A 144 9.95 -15.48 10.18
N PRO A 145 11.19 -15.50 10.71
CA PRO A 145 11.32 -14.72 11.93
C PRO A 145 11.48 -13.24 11.61
N PRO A 146 10.93 -12.37 12.47
CA PRO A 146 11.19 -10.93 12.51
C PRO A 146 12.69 -10.63 12.41
N GLU A 147 13.04 -9.49 11.81
CA GLU A 147 14.42 -9.01 11.71
C GLU A 147 14.48 -7.58 12.24
N ARG A 148 15.68 -7.08 12.58
CA ARG A 148 15.88 -5.67 12.88
C ARG A 148 15.52 -4.87 11.61
N CYS A 149 14.95 -3.67 11.77
CA CYS A 149 14.83 -2.70 10.65
C CYS A 149 14.43 -1.29 11.11
N ASP A 150 14.83 -0.26 10.36
CA ASP A 150 14.45 1.13 10.68
C ASP A 150 13.06 1.55 10.14
N THR A 151 12.83 1.20 8.88
CA THR A 151 11.60 1.45 8.15
C THR A 151 10.95 0.10 7.86
N LEU A 152 9.66 -0.02 8.14
CA LEU A 152 8.92 -1.24 7.86
C LEU A 152 7.74 -0.98 6.91
N LEU A 153 7.72 -1.63 5.76
CA LEU A 153 6.67 -1.41 4.79
C LEU A 153 5.88 -2.69 4.62
N CYS A 154 4.59 -2.56 4.29
CA CYS A 154 3.73 -3.73 4.12
C CYS A 154 2.45 -3.47 3.32
N ASP A 155 2.30 -4.18 2.21
CA ASP A 155 1.23 -3.91 1.28
C ASP A 155 0.33 -5.13 1.08
N ILE A 156 0.29 -5.99 2.09
CA ILE A 156 -0.40 -7.29 2.03
C ILE A 156 -1.83 -7.13 2.48
N GLY A 157 -2.73 -7.89 1.84
CA GLY A 157 -4.18 -7.83 2.09
C GLY A 157 -5.04 -7.99 0.83
N GLU A 158 -5.54 -9.21 0.62
CA GLU A 158 -6.35 -9.60 -0.56
C GLU A 158 -7.85 -9.39 -0.29
N SER A 159 -8.48 -8.72 -1.25
CA SER A 159 -9.88 -8.30 -1.15
CA SER A 159 -9.87 -8.30 -1.15
C SER A 159 -10.87 -9.43 -1.32
N SER A 160 -11.83 -9.49 -0.40
CA SER A 160 -12.97 -10.43 -0.46
C SER A 160 -14.31 -9.74 -0.45
N PRO A 161 -15.29 -10.25 -1.24
CA PRO A 161 -16.66 -9.67 -1.16
C PRO A 161 -17.26 -9.74 0.26
N ASN A 162 -16.74 -10.66 1.07
CA ASN A 162 -17.19 -10.92 2.40
C ASN A 162 -16.29 -10.19 3.37
N PRO A 163 -16.78 -9.08 3.93
CA PRO A 163 -16.03 -8.22 4.87
C PRO A 163 -15.52 -8.94 6.08
N THR A 164 -16.04 -10.14 6.34
CA THR A 164 -15.62 -10.90 7.54
C THR A 164 -14.25 -11.51 7.30
N VAL A 165 -14.11 -12.02 6.07
CA VAL A 165 -12.86 -12.44 5.50
C VAL A 165 -11.79 -11.31 5.58
N GLU A 166 -12.09 -10.17 4.96
CA GLU A 166 -11.14 -9.05 4.95
C GLU A 166 -10.65 -8.73 6.36
N ALA A 167 -11.56 -8.79 7.33
CA ALA A 167 -11.17 -8.49 8.70
C ALA A 167 -10.14 -9.45 9.33
N GLY A 168 -10.15 -10.70 8.89
CA GLY A 168 -9.24 -11.71 9.45
C GLY A 168 -7.89 -11.57 8.78
N ARG A 169 -7.93 -11.40 7.45
CA ARG A 169 -6.75 -11.08 6.65
C ARG A 169 -6.06 -9.86 7.24
N THR A 170 -6.80 -8.75 7.37
CA THR A 170 -6.29 -7.52 7.99
C THR A 170 -5.76 -7.74 9.41
N LEU A 171 -6.40 -8.62 10.17
CA LEU A 171 -5.93 -8.90 11.52
C LEU A 171 -4.61 -9.66 11.53
N ARG A 172 -4.46 -10.62 10.63
CA ARG A 172 -3.22 -11.35 10.51
C ARG A 172 -2.05 -10.40 10.28
N VAL A 173 -2.30 -9.39 9.45
CA VAL A 173 -1.29 -8.44 8.99
C VAL A 173 -0.78 -7.57 10.13
N LEU A 174 -1.71 -6.97 10.86
CA LEU A 174 -1.33 -6.12 11.99
C LEU A 174 -0.55 -6.97 13.00
N ASN A 175 -1.13 -8.11 13.33
CA ASN A 175 -0.44 -9.03 14.20
C ASN A 175 0.92 -9.47 13.70
N LEU A 176 1.10 -9.58 12.39
CA LEU A 176 2.44 -9.69 11.82
C LEU A 176 3.28 -8.42 12.14
N VAL A 177 2.78 -7.24 11.79
CA VAL A 177 3.68 -6.09 11.86
C VAL A 177 4.16 -5.86 13.27
N GLU A 178 3.27 -6.05 14.25
CA GLU A 178 3.62 -5.76 15.64
C GLU A 178 4.95 -6.42 15.91
N ASN A 179 4.99 -7.74 15.73
CA ASN A 179 6.21 -8.56 15.87
C ASN A 179 7.44 -7.99 15.15
N TRP A 180 7.24 -7.09 14.20
CA TRP A 180 8.35 -6.53 13.47
C TRP A 180 8.81 -5.19 13.96
N LEU A 181 7.99 -4.56 14.80
CA LEU A 181 8.20 -3.16 15.18
C LEU A 181 8.96 -2.96 16.51
N SER A 182 9.85 -1.97 16.55
CA SER A 182 10.44 -1.50 17.81
C SER A 182 10.05 -0.03 18.15
N ASN A 183 10.91 0.69 18.88
CA ASN A 183 10.70 2.12 19.13
C ASN A 183 11.19 2.91 17.92
N ASN A 184 10.46 3.95 17.54
CA ASN A 184 10.90 4.93 16.50
C ASN A 184 11.01 4.38 15.07
N THR A 185 10.56 3.15 14.89
CA THR A 185 10.51 2.51 13.59
C THR A 185 9.61 3.28 12.63
N GLN A 186 10.17 3.77 11.51
CA GLN A 186 9.36 4.31 10.42
C GLN A 186 8.50 3.22 9.73
N PHE A 187 7.22 3.50 9.48
CA PHE A 187 6.35 2.44 8.92
C PHE A 187 5.13 2.85 8.04
N CYS A 188 4.80 1.96 7.11
CA CYS A 188 3.65 2.15 6.25
C CYS A 188 2.98 0.81 6.01
N VAL A 189 1.77 0.65 6.55
CA VAL A 189 1.10 -0.64 6.48
C VAL A 189 -0.30 -0.53 5.90
N LYS A 190 -0.59 -1.33 4.89
CA LYS A 190 -1.94 -1.38 4.35
C LYS A 190 -2.81 -1.97 5.42
N VAL A 191 -3.90 -1.26 5.75
CA VAL A 191 -4.98 -1.87 6.49
C VAL A 191 -6.12 -2.00 5.51
N LEU A 192 -6.33 -3.21 5.01
CA LEU A 192 -7.30 -3.48 3.96
C LEU A 192 -8.76 -3.16 4.34
N ASN A 193 -9.21 -3.68 5.47
CA ASN A 193 -10.53 -3.38 6.02
C ASN A 193 -10.41 -2.78 7.38
N PRO A 194 -10.32 -1.44 7.46
CA PRO A 194 -10.25 -0.74 8.74
C PRO A 194 -11.64 -0.50 9.33
N TYR A 195 -12.72 -0.89 8.65
CA TYR A 195 -14.04 -0.52 9.15
C TYR A 195 -14.74 -1.50 10.08
N MET A 196 -14.46 -2.80 9.91
CA MET A 196 -14.86 -3.85 10.87
C MET A 196 -14.37 -3.55 12.27
N SER A 197 -15.24 -3.91 13.20
CA SER A 197 -15.12 -3.59 14.60
C SER A 197 -13.94 -4.31 15.22
N SER A 198 -13.69 -5.55 14.80
CA SER A 198 -12.47 -6.23 15.24
C SER A 198 -11.17 -5.48 14.84
N VAL A 199 -11.14 -4.92 13.62
CA VAL A 199 -9.95 -4.20 13.14
C VAL A 199 -9.79 -2.87 13.85
N ILE A 200 -10.90 -2.15 14.04
CA ILE A 200 -10.85 -0.92 14.83
C ILE A 200 -10.11 -1.23 16.13
N GLU A 201 -10.59 -2.26 16.83
CA GLU A 201 -10.13 -2.55 18.21
C GLU A 201 -8.63 -2.72 18.27
N LYS A 202 -8.11 -3.57 17.38
CA LYS A 202 -6.68 -3.82 17.23
C LYS A 202 -5.89 -2.54 16.96
N MET A 203 -6.40 -1.73 16.03
CA MET A 203 -5.76 -0.47 15.63
C MET A 203 -5.64 0.53 16.77
N GLU A 204 -6.69 0.64 17.59
CA GLU A 204 -6.64 1.54 18.74
C GLU A 204 -5.47 1.14 19.63
N ALA A 205 -5.36 -0.16 19.90
CA ALA A 205 -4.23 -0.69 20.66
C ALA A 205 -2.90 -0.29 20.02
N LEU A 206 -2.74 -0.74 18.78
CA LEU A 206 -1.55 -0.50 17.98
C LEU A 206 -1.15 0.96 18.01
N GLN A 207 -2.12 1.84 17.81
CA GLN A 207 -1.87 3.29 17.86
C GLN A 207 -1.35 3.72 19.24
N ARG A 208 -2.04 3.27 20.30
CA ARG A 208 -1.63 3.60 21.67
C ARG A 208 -0.18 3.18 21.87
N LYS A 209 0.12 1.93 21.54
CA LYS A 209 1.46 1.40 21.70
C LYS A 209 2.51 1.97 20.75
N HIS A 210 2.13 2.37 19.52
CA HIS A 210 3.12 2.74 18.46
C HIS A 210 3.02 4.13 17.78
N GLY A 211 1.85 4.78 17.90
CA GLY A 211 1.62 6.08 17.28
C GLY A 211 1.02 6.01 15.87
N GLY A 212 1.14 7.10 15.13
CA GLY A 212 0.61 7.14 13.77
C GLY A 212 -0.90 7.20 13.66
N ALA A 213 -1.41 7.37 12.44
CA ALA A 213 -2.82 7.20 12.16
C ALA A 213 -3.03 6.51 10.82
N LEU A 214 -4.30 6.35 10.46
CA LEU A 214 -4.63 5.84 9.16
C LEU A 214 -4.85 7.01 8.22
N VAL A 215 -4.39 6.87 6.99
CA VAL A 215 -4.57 7.89 6.00
C VAL A 215 -5.01 7.21 4.74
N ARG A 216 -5.89 7.88 4.01
CA ARG A 216 -6.41 7.36 2.76
C ARG A 216 -5.54 7.96 1.68
N ASN A 217 -5.12 7.15 0.71
CA ASN A 217 -4.27 7.61 -0.39
C ASN A 217 -5.18 7.86 -1.56
N PRO A 218 -5.19 9.07 -2.12
CA PRO A 218 -6.07 9.36 -3.24
C PRO A 218 -5.87 8.43 -4.44
N LEU A 219 -4.82 7.63 -4.47
CA LEU A 219 -4.58 6.77 -5.62
C LEU A 219 -5.32 5.44 -5.46
N SER A 220 -5.87 5.22 -4.26
CA SER A 220 -6.66 4.03 -3.99
C SER A 220 -7.93 4.09 -4.81
N ARG A 221 -8.35 2.96 -5.36
CA ARG A 221 -9.64 2.91 -6.00
C ARG A 221 -10.80 2.89 -5.02
N ASN A 222 -11.96 3.36 -5.50
CA ASN A 222 -13.18 3.48 -4.68
C ASN A 222 -13.69 2.10 -4.22
N SER A 223 -13.21 1.03 -4.88
CA SER A 223 -13.65 -0.35 -4.63
C SER A 223 -12.91 -1.02 -3.52
N THR A 224 -12.07 -0.25 -2.82
CA THR A 224 -11.37 -0.74 -1.62
C THR A 224 -11.41 0.38 -0.61
N HIS A 225 -11.48 -0.02 0.64
CA HIS A 225 -11.63 0.89 1.73
C HIS A 225 -10.31 0.87 2.48
N GLU A 226 -9.25 0.49 1.78
CA GLU A 226 -7.89 0.48 2.36
C GLU A 226 -7.51 1.84 2.91
N MET A 227 -6.83 1.82 4.02
CA MET A 227 -6.16 2.99 4.54
C MET A 227 -4.86 2.46 5.05
N TYR A 228 -3.84 3.31 5.05
CA TYR A 228 -2.52 2.90 5.44
C TYR A 228 -2.21 3.46 6.80
N TRP A 229 -1.83 2.58 7.71
CA TRP A 229 -1.26 3.01 8.97
C TRP A 229 0.18 3.51 8.73
N VAL A 230 0.35 4.83 8.77
CA VAL A 230 1.65 5.45 8.58
C VAL A 230 2.12 6.16 9.85
N SER A 231 3.43 6.11 10.09
CA SER A 231 3.99 6.43 11.40
C SER A 231 3.88 7.92 11.84
N ASN A 232 4.26 8.87 10.97
CA ASN A 232 4.26 10.30 11.31
C ASN A 232 2.96 10.93 10.94
N ALA A 233 1.92 10.58 11.68
CA ALA A 233 0.61 11.22 11.60
C ALA A 233 -0.12 10.94 12.90
N SER A 234 -1.27 11.60 13.04
CA SER A 234 -2.04 11.48 14.26
C SER A 234 -3.49 11.62 13.87
N GLY A 235 -4.35 11.14 14.74
CA GLY A 235 -5.77 11.22 14.47
C GLY A 235 -6.53 10.06 15.06
N ASN A 236 -7.64 10.43 15.69
CA ASN A 236 -8.63 9.47 16.13
C ASN A 236 -8.97 8.50 14.98
N ILE A 237 -8.68 7.22 15.23
CA ILE A 237 -8.92 6.13 14.30
C ILE A 237 -10.36 6.03 13.88
N VAL A 238 -11.25 5.81 14.83
CA VAL A 238 -12.69 5.72 14.53
C VAL A 238 -13.12 6.85 13.60
N SER A 239 -12.79 8.09 13.97
CA SER A 239 -13.30 9.20 13.19
C SER A 239 -12.69 9.13 11.79
N SER A 240 -11.37 8.90 11.70
CA SER A 240 -10.73 8.80 10.38
C SER A 240 -11.25 7.67 9.51
N VAL A 241 -11.70 6.57 10.10
CA VAL A 241 -12.26 5.49 9.28
C VAL A 241 -13.61 5.93 8.73
N ASN A 242 -14.35 6.67 9.54
CA ASN A 242 -15.71 7.06 9.16
C ASN A 242 -15.80 8.10 8.08
N MET A 243 -14.91 9.08 8.18
CA MET A 243 -14.90 10.11 7.16
C MET A 243 -14.54 9.52 5.80
N ILE A 244 -13.97 8.34 5.80
CA ILE A 244 -13.71 7.64 4.55
C ILE A 244 -14.92 6.83 4.11
N SER A 245 -15.56 6.12 5.04
CA SER A 245 -16.79 5.40 4.68
C SER A 245 -17.78 6.41 4.12
N ARG A 246 -17.87 7.57 4.77
CA ARG A 246 -18.73 8.62 4.25
C ARG A 246 -18.32 8.99 2.85
N MET A 247 -17.02 9.23 2.69
CA MET A 247 -16.48 9.60 1.37
C MET A 247 -16.83 8.54 0.34
N LEU A 248 -16.50 7.29 0.64
CA LEU A 248 -16.80 6.21 -0.31
C LEU A 248 -18.29 6.08 -0.67
N ILE A 249 -19.20 6.32 0.30
CA ILE A 249 -20.63 6.30 0.01
C ILE A 249 -20.99 7.49 -0.87
N ASN A 250 -20.60 8.70 -0.48
CA ASN A 250 -20.86 9.84 -1.35
C ASN A 250 -20.48 9.63 -2.80
N ARG A 251 -19.44 8.83 -3.06
CA ARG A 251 -18.99 8.67 -4.45
C ARG A 251 -19.84 7.72 -5.33
N PHE A 252 -20.73 6.95 -4.69
CA PHE A 252 -21.73 6.17 -5.43
C PHE A 252 -22.54 7.04 -6.39
N THR A 253 -22.83 8.25 -5.97
CA THR A 253 -23.76 9.09 -6.69
C THR A 253 -23.03 10.31 -7.24
N MET A 254 -22.32 10.10 -8.33
CA MET A 254 -21.30 11.06 -8.75
C MET A 254 -21.49 11.61 -10.15
N ARG A 255 -21.17 12.89 -10.33
CA ARG A 255 -21.59 13.58 -11.53
C ARG A 255 -20.48 14.30 -12.30
N HIS A 256 -19.24 13.86 -12.19
CA HIS A 256 -18.21 14.22 -13.18
C HIS A 256 -17.10 13.18 -13.01
N LYS A 257 -17.47 11.92 -13.15
CA LYS A 257 -16.71 10.82 -12.60
C LYS A 257 -15.46 10.40 -13.38
N LYS A 258 -14.74 11.36 -13.95
CA LYS A 258 -13.48 11.01 -14.57
C LYS A 258 -12.44 10.92 -13.46
N ALA A 259 -11.32 10.23 -13.73
CA ALA A 259 -10.15 10.26 -12.86
C ALA A 259 -9.16 11.35 -13.29
N THR A 260 -8.41 11.91 -12.34
CA THR A 260 -7.35 12.85 -12.64
C THR A 260 -6.06 12.07 -12.66
N TYR A 261 -5.21 12.33 -13.66
CA TYR A 261 -3.98 11.59 -13.86
C TYR A 261 -2.71 12.37 -13.49
N GLU A 262 -1.75 11.71 -12.83
CA GLU A 262 -0.39 12.20 -12.51
C GLU A 262 0.61 11.53 -13.47
N PRO A 263 1.70 12.24 -13.86
CA PRO A 263 2.72 11.50 -14.60
C PRO A 263 3.33 10.51 -13.65
N ASP A 264 3.82 9.40 -14.16
CA ASP A 264 4.40 8.36 -13.33
C ASP A 264 5.73 8.83 -12.70
N VAL A 265 6.04 8.40 -11.48
CA VAL A 265 7.40 8.55 -10.95
C VAL A 265 8.46 8.06 -11.95
N ASP A 266 9.49 8.87 -12.16
CA ASP A 266 10.67 8.41 -12.90
C ASP A 266 11.81 8.12 -11.91
N LEU A 267 12.31 6.88 -11.90
CA LEU A 267 13.18 6.42 -10.80
C LEU A 267 14.71 6.38 -11.13
N GLY A 268 15.12 7.20 -12.10
CA GLY A 268 16.50 7.34 -12.47
C GLY A 268 17.08 6.11 -13.11
N SER A 269 18.41 6.05 -13.10
CA SER A 269 19.15 4.82 -13.31
C SER A 269 20.46 4.80 -12.50
N GLY A 270 21.18 3.69 -12.69
CA GLY A 270 22.49 3.48 -12.08
C GLY A 270 22.60 3.32 -10.57
N THR A 271 23.85 3.37 -10.11
CA THR A 271 24.21 2.83 -8.80
C THR A 271 24.45 3.91 -7.79
N ARG A 272 24.20 3.60 -6.52
CA ARG A 272 24.57 4.45 -5.38
C ARG A 272 25.75 3.82 -4.61
N ASN A 273 26.66 4.65 -4.09
CA ASN A 273 27.65 4.16 -3.11
C ASN A 273 27.45 4.80 -1.75
#